data_5ZRS
#
_entry.id   5ZRS
#
_cell.length_a   50.457
_cell.length_b   63.856
_cell.length_c   78.785
_cell.angle_alpha   90.0
_cell.angle_beta   90.0
_cell.angle_gamma   90.0
#
_symmetry.space_group_name_H-M   'P 21 21 21'
#
loop_
_entity.id
_entity.type
_entity.pdbx_description
1 polymer 'Alpha/beta hydrolase family protein'
2 non-polymer '6-ethoxy-6-oxohexanoic acid'
3 non-polymer 'ZINC ION'
4 non-polymer 'CALCIUM ION'
5 non-polymer GLYCEROL
6 water water
#
_entity_poly.entity_id   1
_entity_poly.type   'polypeptide(L)'
_entity_poly.pdbx_seq_one_letter_code
;GPQDNPYERGPDPTEDSIEAIRGPFSVATERVSSFASGFGGGTIYYPRETDEGTFGAVAVAPGFTASQGSMSWYGERVAS
QGFIVFTIDTNTRLDQPGQRGRQLLAALDYLVERSDRKVRERLDPNRLAVMGHAMGGGGSLEATV(MHO)RPSLKASIPL
TPWNLDKTWGQVQVPTFIIGAELDTIAPVSTHAKPFYESLPSSLPKAYMELDGATHFAPNIPNTTIAKYVISWLKRFVDE
DTRYSQFLCPNPTDRAIEEYRSTCPYKLN
;
_entity_poly.pdbx_strand_id   A
#
# COMPACT_ATOMS: atom_id res chain seq x y z
N GLY A 1 2.69 20.80 -11.12
CA GLY A 1 2.70 21.94 -10.22
C GLY A 1 1.48 21.96 -9.32
N PRO A 2 1.60 22.61 -8.16
CA PRO A 2 0.52 22.71 -7.17
C PRO A 2 -0.74 23.40 -7.68
N GLN A 3 -0.61 24.25 -8.70
CA GLN A 3 -1.76 24.97 -9.25
C GLN A 3 -2.77 24.05 -9.91
N ASP A 4 -2.30 22.93 -10.45
CA ASP A 4 -3.20 22.02 -11.16
C ASP A 4 -3.62 20.82 -10.29
N ASN A 5 -3.07 20.73 -9.09
CA ASN A 5 -3.43 19.63 -8.19
C ASN A 5 -3.01 19.96 -6.78
N PRO A 6 -4.01 20.22 -5.90
CA PRO A 6 -3.68 20.64 -4.53
C PRO A 6 -3.05 19.55 -3.69
N TYR A 7 -3.02 18.32 -4.21
CA TYR A 7 -2.50 17.20 -3.44
C TYR A 7 -1.05 16.87 -3.80
N GLU A 8 -0.46 17.56 -4.77
CA GLU A 8 0.94 17.30 -5.13
C GLU A 8 1.86 17.64 -3.98
N ARG A 9 2.70 16.69 -3.60
CA ARG A 9 3.71 16.93 -2.57
C ARG A 9 5.11 16.55 -3.07
N GLY A 10 6.11 17.32 -2.65
CA GLY A 10 7.50 17.02 -2.98
C GLY A 10 7.91 17.45 -4.37
N PRO A 11 9.23 17.49 -4.61
CA PRO A 11 9.70 17.92 -5.94
C PRO A 11 9.28 16.94 -7.03
N ASP A 12 9.30 17.42 -8.29
CA ASP A 12 9.02 16.54 -9.42
C ASP A 12 9.89 15.29 -9.33
N PRO A 13 9.28 14.13 -9.59
CA PRO A 13 9.99 12.88 -9.36
C PRO A 13 10.92 12.47 -10.51
N THR A 14 11.89 11.66 -10.15
CA THR A 14 12.83 11.07 -11.09
C THR A 14 12.94 9.61 -10.70
N GLU A 15 13.55 8.79 -11.56
CA GLU A 15 13.84 7.42 -11.14
C GLU A 15 14.68 7.41 -9.86
N ASP A 16 15.61 8.36 -9.74
CA ASP A 16 16.38 8.44 -8.52
C ASP A 16 15.50 8.67 -7.31
N SER A 17 14.54 9.59 -7.40
CA SER A 17 13.76 9.94 -6.21
C SER A 17 12.81 8.81 -5.80
N ILE A 18 12.25 8.09 -6.77
CA ILE A 18 11.35 7.00 -6.38
C ILE A 18 12.09 5.74 -5.93
N GLU A 19 13.36 5.61 -6.32
CA GLU A 19 14.19 4.50 -5.84
C GLU A 19 14.90 4.81 -4.53
N ALA A 20 14.87 6.07 -4.10
CA ALA A 20 15.63 6.51 -2.92
C ALA A 20 15.15 5.83 -1.65
N ILE A 21 16.08 5.50 -0.76
CA ILE A 21 15.69 4.93 0.53
C ILE A 21 14.86 5.93 1.31
N ARG A 22 15.18 7.22 1.17
CA ARG A 22 14.43 8.28 1.83
C ARG A 22 14.09 9.39 0.84
N GLY A 23 12.82 9.76 0.83
CA GLY A 23 12.32 10.81 -0.02
C GLY A 23 12.55 12.18 0.60
N PRO A 24 11.86 13.18 0.06
CA PRO A 24 12.10 14.59 0.44
C PRO A 24 11.60 15.03 1.83
N PHE A 25 10.69 14.26 2.45
CA PHE A 25 10.14 14.63 3.75
C PHE A 25 10.84 13.90 4.89
N SER A 26 11.19 14.61 5.97
CA SER A 26 11.68 13.94 7.16
C SER A 26 10.47 13.33 7.85
N VAL A 27 10.69 12.34 8.69
CA VAL A 27 9.59 11.54 9.22
C VAL A 27 9.71 11.36 10.72
N ALA A 28 8.58 11.47 11.43
CA ALA A 28 8.50 11.15 12.84
C ALA A 28 7.57 9.97 13.04
N THR A 29 7.59 9.39 14.22
CA THR A 29 6.69 8.26 14.50
C THR A 29 5.88 8.46 15.76
N GLU A 30 4.73 7.81 15.79
CA GLU A 30 3.92 7.71 16.98
C GLU A 30 3.56 6.25 17.15
N ARG A 31 3.81 5.69 18.32
CA ARG A 31 3.44 4.32 18.59
C ARG A 31 2.03 4.28 19.17
N VAL A 32 1.23 3.33 18.69
CA VAL A 32 -0.15 3.19 19.13
C VAL A 32 -0.28 1.86 19.83
N SER A 33 -0.75 1.91 21.07
CA SER A 33 -0.89 0.73 21.91
C SER A 33 -1.76 -0.34 21.27
N SER A 34 -1.39 -1.60 21.49
CA SER A 34 -2.18 -2.73 21.03
C SER A 34 -3.56 -2.75 21.67
N PHE A 35 -3.76 -1.94 22.70
CA PHE A 35 -5.03 -1.91 23.39
C PHE A 35 -5.99 -0.93 22.72
N ALA A 36 -5.53 -0.29 21.65
CA ALA A 36 -6.43 0.44 20.79
C ALA A 36 -7.51 -0.53 20.30
N SER A 37 -8.72 -0.02 20.14
CA SER A 37 -9.86 -0.86 19.79
C SER A 37 -9.84 -1.20 18.30
N GLY A 38 -10.14 -2.46 17.98
CA GLY A 38 -10.36 -2.87 16.60
C GLY A 38 -9.18 -3.46 15.85
N PHE A 39 -7.98 -3.33 16.42
CA PHE A 39 -6.79 -3.87 15.80
C PHE A 39 -5.70 -3.94 16.86
N GLY A 40 -4.50 -4.40 16.51
CA GLY A 40 -3.48 -4.63 17.52
C GLY A 40 -2.47 -3.52 17.70
N GLY A 41 -2.86 -2.27 17.42
CA GLY A 41 -1.92 -1.17 17.56
C GLY A 41 -0.93 -1.11 16.39
N GLY A 42 0.11 -0.33 16.53
CA GLY A 42 1.08 -0.24 15.46
C GLY A 42 1.94 0.99 15.58
N THR A 43 2.56 1.36 14.47
CA THR A 43 3.44 2.52 14.42
C THR A 43 2.98 3.44 13.31
N ILE A 44 2.74 4.70 13.64
CA ILE A 44 2.37 5.69 12.63
C ILE A 44 3.61 6.47 12.22
N TYR A 45 3.92 6.45 10.92
CA TYR A 45 5.04 7.21 10.36
C TYR A 45 4.41 8.40 9.65
N TYR A 46 4.87 9.61 9.92
CA TYR A 46 4.27 10.77 9.29
C TYR A 46 5.32 11.81 8.88
N PRO A 47 5.06 12.54 7.79
CA PRO A 47 5.99 13.60 7.37
C PRO A 47 5.98 14.73 8.38
N ARG A 48 7.16 15.26 8.68
CA ARG A 48 7.25 16.32 9.68
C ARG A 48 6.87 17.67 9.08
N GLU A 49 7.29 17.89 7.84
CA GLU A 49 7.05 19.19 7.20
C GLU A 49 5.60 19.39 6.81
N THR A 50 5.04 20.53 7.24
CA THR A 50 3.63 20.81 7.02
C THR A 50 3.39 21.93 6.02
N ASP A 51 4.47 22.46 5.44
CA ASP A 51 4.35 23.66 4.62
C ASP A 51 3.75 23.41 3.23
N GLU A 52 3.51 22.16 2.87
CA GLU A 52 2.91 21.88 1.57
C GLU A 52 1.48 21.39 1.69
N GLY A 53 0.98 21.23 2.91
CA GLY A 53 -0.38 20.76 3.10
C GLY A 53 -0.46 19.38 3.72
N THR A 54 -1.70 18.90 3.88
CA THR A 54 -1.94 17.61 4.50
C THR A 54 -1.71 16.45 3.53
N PHE A 55 -1.71 15.24 4.10
CA PHE A 55 -1.28 14.05 3.36
C PHE A 55 -2.34 12.99 3.44
N GLY A 56 -2.38 12.12 2.43
CA GLY A 56 -3.16 10.90 2.51
C GLY A 56 -2.45 9.86 3.36
N ALA A 57 -3.14 8.77 3.64
CA ALA A 57 -2.64 7.76 4.55
C ALA A 57 -2.85 6.36 4.00
N VAL A 58 -1.91 5.47 4.33
CA VAL A 58 -2.05 4.06 4.00
C VAL A 58 -1.84 3.22 5.25
N ALA A 59 -2.77 2.31 5.51
CA ALA A 59 -2.62 1.34 6.59
C ALA A 59 -1.99 0.08 5.99
N VAL A 60 -1.07 -0.55 6.74
CA VAL A 60 -0.23 -1.60 6.19
C VAL A 60 -0.28 -2.81 7.11
N ALA A 61 -0.81 -3.93 6.58
CA ALA A 61 -0.99 -5.14 7.39
C ALA A 61 0.07 -6.18 7.10
N PRO A 62 0.50 -6.92 8.13
CA PRO A 62 1.43 -8.03 7.92
C PRO A 62 0.68 -9.33 7.60
N GLY A 63 1.42 -10.41 7.44
CA GLY A 63 0.83 -11.68 7.11
C GLY A 63 0.63 -12.56 8.32
N PHE A 64 0.16 -13.78 8.04
CA PHE A 64 -0.11 -14.82 9.02
C PHE A 64 1.15 -15.13 9.84
N THR A 65 0.98 -15.15 11.16
CA THR A 65 2.04 -15.35 12.17
C THR A 65 3.00 -14.17 12.32
N ALA A 66 2.83 -13.14 11.50
CA ALA A 66 3.82 -12.07 11.41
C ALA A 66 3.36 -10.80 12.14
N SER A 67 4.31 -9.92 12.41
CA SER A 67 4.03 -8.69 13.11
CA SER A 67 4.04 -8.68 13.11
C SER A 67 4.46 -7.48 12.28
N GLN A 68 4.20 -6.29 12.82
CA GLN A 68 4.55 -5.07 12.10
C GLN A 68 6.04 -4.96 11.75
N GLY A 69 6.91 -5.61 12.52
CA GLY A 69 8.33 -5.58 12.22
C GLY A 69 8.66 -6.11 10.82
N SER A 70 7.86 -7.05 10.33
CA SER A 70 8.05 -7.59 8.98
C SER A 70 7.73 -6.55 7.90
N MET A 71 7.05 -5.48 8.29
CA MET A 71 6.62 -4.43 7.37
C MET A 71 7.25 -3.06 7.69
N SER A 72 8.14 -3.04 8.67
CA SER A 72 8.61 -1.77 9.18
C SER A 72 9.34 -0.93 8.13
N TRP A 73 10.00 -1.58 7.18
CA TRP A 73 10.80 -0.81 6.23
C TRP A 73 9.93 0.05 5.33
N TYR A 74 8.66 -0.31 5.20
CA TYR A 74 7.75 0.53 4.43
C TYR A 74 7.51 1.88 5.09
N GLY A 75 7.61 1.92 6.40
CA GLY A 75 7.13 3.05 7.17
C GLY A 75 7.80 4.35 6.75
N GLU A 76 9.11 4.44 6.93
CA GLU A 76 9.77 5.68 6.58
C GLU A 76 10.07 5.80 5.09
N ARG A 77 10.24 4.66 4.42
CA ARG A 77 10.52 4.70 3.00
C ARG A 77 9.37 5.32 2.23
N VAL A 78 8.13 4.95 2.59
CA VAL A 78 6.97 5.51 1.94
C VAL A 78 6.57 6.86 2.57
N ALA A 79 6.61 6.96 3.91
CA ALA A 79 6.20 8.22 4.53
C ALA A 79 7.07 9.40 4.10
N SER A 80 8.35 9.13 3.82
CA SER A 80 9.26 10.21 3.43
C SER A 80 8.95 10.73 2.03
N GLN A 81 8.05 10.05 1.31
CA GLN A 81 7.58 10.55 0.02
C GLN A 81 6.31 11.37 0.19
N GLY A 82 5.86 11.59 1.42
CA GLY A 82 4.69 12.42 1.65
C GLY A 82 3.41 11.63 1.92
N PHE A 83 3.48 10.69 2.85
CA PHE A 83 2.29 9.91 3.25
C PHE A 83 2.33 9.64 4.72
N ILE A 84 1.15 9.46 5.30
CA ILE A 84 1.07 8.91 6.65
C ILE A 84 0.96 7.39 6.50
N VAL A 85 1.86 6.65 7.12
CA VAL A 85 1.93 5.20 6.92
C VAL A 85 1.78 4.53 8.27
N PHE A 86 0.78 3.66 8.39
CA PHE A 86 0.45 3.04 9.69
C PHE A 86 0.72 1.54 9.56
N THR A 87 1.87 1.09 10.05
CA THR A 87 2.16 -0.33 10.06
C THR A 87 1.54 -0.96 11.28
N ILE A 88 0.57 -1.83 11.03
CA ILE A 88 -0.19 -2.35 12.17
C ILE A 88 0.22 -3.75 12.60
N ASP A 89 -0.16 -4.07 13.83
CA ASP A 89 -0.28 -5.46 14.27
C ASP A 89 -1.74 -5.86 14.27
N THR A 90 -1.99 -7.15 14.09
CA THR A 90 -3.36 -7.67 14.13
C THR A 90 -3.76 -8.09 15.54
N ASN A 91 -5.06 -8.30 15.74
CA ASN A 91 -5.55 -8.73 17.05
C ASN A 91 -4.85 -9.99 17.53
N THR A 92 -4.70 -10.97 16.64
CA THR A 92 -3.84 -12.14 16.90
C THR A 92 -3.04 -12.41 15.63
N ARG A 93 -1.91 -13.07 15.77
CA ARG A 93 -1.10 -13.40 14.60
C ARG A 93 -1.77 -14.44 13.69
N LEU A 94 -2.85 -15.07 14.16
CA LEU A 94 -3.51 -16.11 13.40
C LEU A 94 -4.75 -15.63 12.63
N ASP A 95 -4.96 -14.32 12.61
CA ASP A 95 -6.16 -13.77 11.98
C ASP A 95 -6.16 -14.03 10.47
N GLN A 96 -7.36 -14.22 9.92
CA GLN A 96 -7.54 -14.56 8.49
C GLN A 96 -7.80 -13.32 7.65
N PRO A 97 -7.85 -13.44 6.30
CA PRO A 97 -7.93 -12.21 5.47
C PRO A 97 -9.12 -11.30 5.74
N GLY A 98 -10.32 -11.82 5.92
CA GLY A 98 -11.45 -10.95 6.25
C GLY A 98 -11.25 -10.17 7.54
N GLN A 99 -10.75 -10.85 8.56
CA GLN A 99 -10.41 -10.20 9.82
C GLN A 99 -9.37 -9.12 9.61
N ARG A 100 -8.34 -9.43 8.83
CA ARG A 100 -7.30 -8.44 8.51
C ARG A 100 -7.86 -7.24 7.76
N GLY A 101 -8.83 -7.47 6.89
CA GLY A 101 -9.48 -6.36 6.22
C GLY A 101 -10.20 -5.44 7.18
N ARG A 102 -10.92 -6.01 8.14
CA ARG A 102 -11.62 -5.19 9.12
C ARG A 102 -10.61 -4.41 9.94
N GLN A 103 -9.48 -5.03 10.24
CA GLN A 103 -8.49 -4.36 11.07
C GLN A 103 -7.77 -3.23 10.33
N LEU A 104 -7.58 -3.40 9.02
CA LEU A 104 -7.04 -2.31 8.21
C LEU A 104 -7.96 -1.10 8.26
N LEU A 105 -9.26 -1.33 8.12
CA LEU A 105 -10.23 -0.24 8.24
C LEU A 105 -10.27 0.37 9.64
N ALA A 106 -10.13 -0.45 10.68
CA ALA A 106 -10.10 0.07 12.04
C ALA A 106 -8.87 0.95 12.26
N ALA A 107 -7.74 0.58 11.66
CA ALA A 107 -6.54 1.37 11.74
C ALA A 107 -6.72 2.74 11.05
N LEU A 108 -7.37 2.76 9.90
CA LEU A 108 -7.65 4.01 9.22
C LEU A 108 -8.63 4.85 10.06
N ASP A 109 -9.64 4.20 10.65
CA ASP A 109 -10.57 4.92 11.49
C ASP A 109 -9.82 5.55 12.68
N TYR A 110 -8.86 4.83 13.24
CA TYR A 110 -8.06 5.37 14.33
C TYR A 110 -7.34 6.64 13.88
N LEU A 111 -6.75 6.61 12.70
CA LEU A 111 -6.06 7.82 12.22
C LEU A 111 -7.01 9.00 12.12
N VAL A 112 -8.20 8.74 11.57
CA VAL A 112 -9.17 9.81 11.33
C VAL A 112 -9.80 10.31 12.62
N GLU A 113 -10.07 9.41 13.56
CA GLU A 113 -10.94 9.72 14.71
C GLU A 113 -10.28 9.79 16.08
N ARG A 114 -9.14 9.13 16.26
CA ARG A 114 -8.57 8.95 17.58
C ARG A 114 -7.11 9.35 17.73
N SER A 115 -6.43 9.61 16.61
CA SER A 115 -4.99 9.88 16.66
C SER A 115 -4.64 11.20 17.35
N ASP A 116 -3.40 11.26 17.81
CA ASP A 116 -2.78 12.45 18.41
C ASP A 116 -2.90 13.65 17.47
N ARG A 117 -2.96 14.86 18.01
CA ARG A 117 -3.05 16.08 17.19
C ARG A 117 -1.97 16.16 16.11
N LYS A 118 -0.75 15.73 16.45
CA LYS A 118 0.36 15.81 15.50
C LYS A 118 0.06 15.03 14.22
N VAL A 119 -0.62 13.90 14.39
CA VAL A 119 -1.01 13.07 13.23
C VAL A 119 -2.29 13.64 12.59
N ARG A 120 -3.28 13.91 13.42
CA ARG A 120 -4.58 14.32 12.92
C ARG A 120 -4.49 15.59 12.08
N GLU A 121 -3.65 16.53 12.49
CA GLU A 121 -3.52 17.79 11.77
C GLU A 121 -2.84 17.63 10.41
N ARG A 122 -2.14 16.51 10.23
CA ARG A 122 -1.37 16.27 9.00
C ARG A 122 -2.13 15.40 8.01
N LEU A 123 -3.32 14.94 8.42
CA LEU A 123 -4.06 13.94 7.66
C LEU A 123 -5.21 14.54 6.87
N ASP A 124 -5.28 14.20 5.59
CA ASP A 124 -6.49 14.42 4.79
C ASP A 124 -7.33 13.16 4.92
N PRO A 125 -8.42 13.21 5.69
CA PRO A 125 -9.18 12.00 5.99
C PRO A 125 -9.93 11.47 4.77
N ASN A 126 -9.99 12.25 3.68
CA ASN A 126 -10.67 11.82 2.47
C ASN A 126 -9.82 10.98 1.53
N ARG A 127 -8.54 10.80 1.86
CA ARG A 127 -7.62 10.14 0.93
C ARG A 127 -6.86 9.03 1.64
N LEU A 128 -7.48 7.85 1.66
CA LEU A 128 -6.97 6.72 2.43
C LEU A 128 -6.74 5.52 1.55
N ALA A 129 -5.82 4.67 1.97
CA ALA A 129 -5.41 3.52 1.17
C ALA A 129 -5.07 2.35 2.10
N VAL A 130 -4.98 1.17 1.50
CA VAL A 130 -4.60 -0.04 2.21
C VAL A 130 -3.53 -0.80 1.45
N MET A 131 -2.70 -1.49 2.22
CA MET A 131 -1.63 -2.31 1.66
C MET A 131 -1.40 -3.44 2.65
N GLY A 132 -0.99 -4.61 2.18
CA GLY A 132 -0.72 -5.66 3.13
C GLY A 132 0.03 -6.81 2.49
N HIS A 133 0.71 -7.59 3.33
CA HIS A 133 1.47 -8.74 2.90
C HIS A 133 0.75 -10.06 3.17
N ALA A 134 0.62 -10.87 2.11
CA ALA A 134 0.21 -12.27 2.24
C ALA A 134 -1.24 -12.31 2.74
N MET A 135 -1.53 -12.90 3.91
CA MET A 135 -2.92 -12.78 4.39
C MET A 135 -3.36 -11.32 4.54
N GLY A 136 -2.40 -10.45 4.86
CA GLY A 136 -2.67 -9.03 4.89
C GLY A 136 -2.95 -8.41 3.53
N GLY A 137 -2.37 -9.02 2.49
CA GLY A 137 -2.69 -8.70 1.10
C GLY A 137 -4.09 -9.15 0.75
N GLY A 138 -4.43 -10.37 1.17
CA GLY A 138 -5.82 -10.81 1.09
C GLY A 138 -6.73 -9.81 1.82
N GLY A 139 -6.27 -9.32 2.96
CA GLY A 139 -6.98 -8.30 3.72
C GLY A 139 -7.18 -6.98 2.99
N SER A 140 -6.19 -6.59 2.20
CA SER A 140 -6.27 -5.37 1.42
C SER A 140 -7.42 -5.48 0.42
N LEU A 141 -7.50 -6.62 -0.26
CA LEU A 141 -8.60 -6.88 -1.17
C LEU A 141 -9.94 -6.82 -0.42
N GLU A 142 -10.01 -7.52 0.71
CA GLU A 142 -11.24 -7.53 1.51
C GLU A 142 -11.65 -6.12 1.93
N ALA A 143 -10.68 -5.32 2.36
CA ALA A 143 -10.98 -3.97 2.83
C ALA A 143 -11.61 -3.15 1.72
N THR A 144 -11.15 -3.31 0.48
CA THR A 144 -11.75 -2.54 -0.62
C THR A 144 -13.19 -2.92 -0.93
N VAL A 145 -13.58 -4.17 -0.70
CA VAL A 145 -14.96 -4.56 -0.90
C VAL A 145 -15.81 -3.94 0.20
N ARG A 147 -15.07 -1.17 1.88
CA ARG A 147 -15.02 0.28 1.79
C ARG A 147 -14.56 0.75 0.40
N PRO A 148 -15.52 0.87 -0.53
CA PRO A 148 -15.17 1.26 -1.90
C PRO A 148 -14.60 2.67 -2.05
N SER A 149 -14.70 3.49 -1.01
CA SER A 149 -14.18 4.85 -1.08
C SER A 149 -12.67 4.95 -0.87
N LEU A 150 -12.01 3.83 -0.55
CA LEU A 150 -10.54 3.80 -0.49
C LEU A 150 -9.97 4.26 -1.83
N LYS A 151 -8.82 4.93 -1.77
CA LYS A 151 -8.22 5.46 -3.00
C LYS A 151 -7.31 4.46 -3.71
N ALA A 152 -6.73 3.54 -2.94
CA ALA A 152 -5.77 2.60 -3.51
C ALA A 152 -5.65 1.40 -2.63
N SER A 153 -5.24 0.29 -3.23
CA SER A 153 -5.05 -0.97 -2.54
C SER A 153 -3.85 -1.66 -3.14
N ILE A 154 -2.95 -2.14 -2.28
CA ILE A 154 -1.73 -2.80 -2.73
C ILE A 154 -1.55 -4.13 -2.03
N PRO A 155 -2.09 -5.20 -2.61
CA PRO A 155 -1.90 -6.55 -2.05
C PRO A 155 -0.52 -7.09 -2.43
N LEU A 156 0.33 -7.32 -1.43
CA LEU A 156 1.70 -7.78 -1.64
C LEU A 156 1.75 -9.27 -1.41
N THR A 157 2.26 -10.01 -2.40
CA THR A 157 2.23 -11.48 -2.42
C THR A 157 0.98 -12.03 -1.71
N PRO A 158 -0.20 -11.64 -2.19
CA PRO A 158 -1.43 -11.83 -1.42
C PRO A 158 -1.85 -13.30 -1.33
N TRP A 159 -2.48 -13.66 -0.21
CA TRP A 159 -3.07 -14.98 -0.02
C TRP A 159 -4.54 -14.77 0.32
N ASN A 160 -5.42 -15.53 -0.34
CA ASN A 160 -6.85 -15.52 0.00
C ASN A 160 -7.44 -16.71 -0.71
N LEU A 161 -8.31 -17.44 -0.02
CA LEU A 161 -9.00 -18.57 -0.67
C LEU A 161 -10.20 -18.09 -1.46
N ASP A 162 -10.60 -16.83 -1.24
CA ASP A 162 -11.64 -16.19 -2.07
C ASP A 162 -10.92 -15.67 -3.29
N LYS A 163 -11.25 -16.22 -4.46
CA LYS A 163 -10.51 -15.96 -5.69
C LYS A 163 -11.13 -14.91 -6.60
N THR A 164 -12.30 -14.41 -6.20
CA THR A 164 -13.09 -13.56 -7.08
C THR A 164 -13.19 -12.16 -6.50
N TRP A 165 -12.80 -11.17 -7.31
CA TRP A 165 -12.71 -9.78 -6.84
C TRP A 165 -13.31 -8.83 -7.86
N GLY A 166 -14.29 -9.32 -8.60
CA GLY A 166 -14.90 -8.53 -9.64
C GLY A 166 -15.69 -7.33 -9.14
N GLN A 167 -16.05 -7.32 -7.87
CA GLN A 167 -16.84 -6.20 -7.36
C GLN A 167 -15.97 -5.06 -6.81
N VAL A 168 -14.64 -5.24 -6.85
CA VAL A 168 -13.71 -4.20 -6.40
C VAL A 168 -13.75 -2.95 -7.29
N GLN A 169 -13.82 -1.78 -6.66
CA GLN A 169 -13.87 -0.50 -7.39
C GLN A 169 -12.67 0.40 -7.10
N VAL A 170 -11.72 -0.09 -6.32
CA VAL A 170 -10.57 0.69 -5.85
C VAL A 170 -9.34 0.32 -6.69
N PRO A 171 -8.60 1.31 -7.23
CA PRO A 171 -7.37 1.00 -7.99
C PRO A 171 -6.44 0.10 -7.21
N THR A 172 -6.12 -1.04 -7.80
CA THR A 172 -5.45 -2.11 -7.07
C THR A 172 -4.20 -2.53 -7.82
N PHE A 173 -3.10 -2.57 -7.09
CA PHE A 173 -1.78 -2.96 -7.62
C PHE A 173 -1.34 -4.21 -6.86
N ILE A 174 -1.35 -5.35 -7.54
CA ILE A 174 -0.94 -6.61 -6.93
C ILE A 174 0.52 -6.92 -7.27
N ILE A 175 1.33 -7.25 -6.25
CA ILE A 175 2.70 -7.66 -6.48
C ILE A 175 2.84 -9.13 -6.17
N GLY A 176 3.30 -9.89 -7.15
CA GLY A 176 3.46 -11.33 -6.97
C GLY A 176 4.93 -11.70 -6.87
N ALA A 177 5.19 -12.80 -6.19
CA ALA A 177 6.56 -13.35 -6.13
C ALA A 177 6.58 -14.61 -6.98
N GLU A 178 7.42 -14.63 -8.02
CA GLU A 178 7.36 -15.72 -8.99
C GLU A 178 7.41 -17.11 -8.37
N LEU A 179 8.27 -17.29 -7.38
CA LEU A 179 8.51 -18.60 -6.80
C LEU A 179 7.85 -18.80 -5.43
N ASP A 180 6.82 -18.02 -5.15
CA ASP A 180 6.04 -18.13 -3.90
C ASP A 180 5.43 -19.53 -3.81
N THR A 181 5.73 -20.26 -2.74
CA THR A 181 5.15 -21.59 -2.55
C THR A 181 4.03 -21.57 -1.50
N ILE A 182 3.85 -20.44 -0.84
CA ILE A 182 2.85 -20.30 0.22
C ILE A 182 1.56 -19.72 -0.33
N ALA A 183 1.71 -18.69 -1.15
CA ALA A 183 0.59 -18.12 -1.90
C ALA A 183 1.00 -18.10 -3.38
N PRO A 184 1.03 -19.29 -4.00
CA PRO A 184 1.55 -19.39 -5.37
C PRO A 184 0.82 -18.45 -6.32
N VAL A 185 1.55 -17.77 -7.19
CA VAL A 185 0.91 -16.78 -8.05
C VAL A 185 -0.14 -17.40 -9.00
N SER A 186 0.04 -18.67 -9.33
CA SER A 186 -0.86 -19.40 -10.22
C SER A 186 -2.28 -19.42 -9.69
N THR A 187 -2.42 -19.51 -8.38
CA THR A 187 -3.74 -19.65 -7.79
C THR A 187 -4.15 -18.52 -6.84
N HIS A 188 -3.23 -17.58 -6.57
CA HIS A 188 -3.57 -16.42 -5.75
C HIS A 188 -3.44 -15.12 -6.55
N ALA A 189 -2.25 -14.54 -6.58
CA ALA A 189 -2.06 -13.24 -7.22
C ALA A 189 -2.65 -13.11 -8.62
N LYS A 190 -2.34 -14.06 -9.51
CA LYS A 190 -2.82 -13.95 -10.90
C LYS A 190 -4.34 -14.00 -11.05
N PRO A 191 -4.98 -15.02 -10.45
CA PRO A 191 -6.45 -14.99 -10.52
C PRO A 191 -7.08 -13.76 -9.84
N PHE A 192 -6.52 -13.28 -8.73
CA PHE A 192 -7.07 -12.07 -8.12
C PHE A 192 -7.01 -10.95 -9.17
N TYR A 193 -5.85 -10.77 -9.78
CA TYR A 193 -5.64 -9.70 -10.76
C TYR A 193 -6.63 -9.82 -11.92
N GLU A 194 -6.75 -11.03 -12.48
CA GLU A 194 -7.58 -11.22 -13.66
C GLU A 194 -9.07 -11.07 -13.32
N SER A 195 -9.43 -11.29 -12.06
CA SER A 195 -10.82 -11.19 -11.61
CA SER A 195 -10.83 -11.19 -11.66
C SER A 195 -11.26 -9.73 -11.43
N LEU A 196 -10.31 -8.85 -11.17
CA LEU A 196 -10.60 -7.41 -11.06
C LEU A 196 -11.13 -6.93 -12.42
N PRO A 197 -12.08 -5.98 -12.41
CA PRO A 197 -12.65 -5.52 -13.69
C PRO A 197 -11.59 -5.01 -14.66
N SER A 198 -11.74 -5.31 -15.94
CA SER A 198 -10.77 -4.81 -16.91
C SER A 198 -10.82 -3.30 -17.13
N SER A 199 -11.90 -2.66 -16.68
CA SER A 199 -12.01 -1.20 -16.70
C SER A 199 -11.57 -0.54 -15.39
N LEU A 200 -11.12 -1.34 -14.42
CA LEU A 200 -10.52 -0.78 -13.19
C LEU A 200 -9.07 -0.40 -13.44
N PRO A 201 -8.62 0.76 -12.89
CA PRO A 201 -7.17 1.03 -12.92
C PRO A 201 -6.47 -0.02 -12.07
N LYS A 202 -5.61 -0.82 -12.68
CA LYS A 202 -5.01 -1.93 -11.94
C LYS A 202 -3.69 -2.29 -12.57
N ALA A 203 -2.88 -3.03 -11.82
CA ALA A 203 -1.63 -3.54 -12.34
C ALA A 203 -1.25 -4.78 -11.56
N TYR A 204 -0.44 -5.61 -12.21
CA TYR A 204 0.15 -6.78 -11.60
C TYR A 204 1.63 -6.71 -11.90
N MET A 205 2.46 -6.73 -10.87
CA MET A 205 3.91 -6.80 -11.07
C MET A 205 4.43 -8.06 -10.42
N GLU A 206 5.03 -8.95 -11.21
CA GLU A 206 5.56 -10.18 -10.66
C GLU A 206 7.08 -10.06 -10.58
N LEU A 207 7.63 -10.39 -9.42
CA LEU A 207 9.06 -10.30 -9.20
C LEU A 207 9.78 -11.61 -9.56
N ASP A 208 10.72 -11.54 -10.51
CA ASP A 208 11.51 -12.71 -10.89
C ASP A 208 12.29 -13.29 -9.71
N GLY A 209 12.23 -14.61 -9.58
CA GLY A 209 13.02 -15.33 -8.60
C GLY A 209 12.65 -15.15 -7.14
N ALA A 210 11.61 -14.37 -6.89
CA ALA A 210 11.24 -13.96 -5.54
C ALA A 210 10.41 -15.00 -4.79
N THR A 211 10.62 -15.06 -3.48
CA THR A 211 9.84 -15.91 -2.59
C THR A 211 8.76 -15.11 -1.88
N HIS A 212 7.95 -15.84 -1.11
CA HIS A 212 6.86 -15.27 -0.36
C HIS A 212 7.30 -14.15 0.57
N PHE A 213 8.54 -14.20 1.04
CA PHE A 213 8.99 -13.19 2.00
C PHE A 213 9.75 -12.03 1.39
N ALA A 214 9.81 -11.97 0.07
CA ALA A 214 10.41 -10.82 -0.60
C ALA A 214 9.91 -9.46 -0.09
N PRO A 215 8.59 -9.31 0.16
CA PRO A 215 8.13 -7.99 0.61
C PRO A 215 8.60 -7.57 2.00
N ASN A 216 9.23 -8.48 2.74
CA ASN A 216 9.62 -8.20 4.11
C ASN A 216 11.02 -7.65 4.27
N ILE A 217 11.72 -7.49 3.16
CA ILE A 217 13.02 -6.83 3.27
C ILE A 217 13.08 -5.76 2.20
N PRO A 218 13.84 -4.70 2.46
CA PRO A 218 13.86 -3.59 1.49
C PRO A 218 14.13 -4.08 0.08
N ASN A 219 13.29 -3.60 -0.84
CA ASN A 219 13.29 -4.02 -2.22
C ASN A 219 12.93 -2.78 -3.02
N THR A 220 13.90 -2.28 -3.77
CA THR A 220 13.72 -1.05 -4.51
C THR A 220 12.63 -1.14 -5.58
N THR A 221 12.51 -2.31 -6.20
CA THR A 221 11.50 -2.51 -7.24
C THR A 221 10.10 -2.43 -6.60
N ILE A 222 9.94 -3.06 -5.45
CA ILE A 222 8.65 -2.90 -4.74
C ILE A 222 8.44 -1.44 -4.37
N ALA A 223 9.45 -0.83 -3.76
CA ALA A 223 9.29 0.51 -3.20
C ALA A 223 8.93 1.54 -4.26
N LYS A 224 9.65 1.53 -5.38
CA LYS A 224 9.47 2.60 -6.35
C LYS A 224 8.08 2.60 -6.97
N TYR A 225 7.51 1.41 -7.15
CA TYR A 225 6.16 1.30 -7.71
C TYR A 225 5.04 1.42 -6.69
N VAL A 226 5.27 0.98 -5.44
CA VAL A 226 4.35 1.27 -4.35
C VAL A 226 4.21 2.78 -4.22
N ILE A 227 5.35 3.48 -4.20
CA ILE A 227 5.35 4.92 -4.08
C ILE A 227 4.60 5.55 -5.26
N SER A 228 4.91 5.09 -6.46
CA SER A 228 4.25 5.64 -7.64
C SER A 228 2.75 5.38 -7.65
N TRP A 229 2.33 4.18 -7.21
CA TRP A 229 0.90 3.85 -7.19
C TRP A 229 0.16 4.75 -6.21
N LEU A 230 0.71 4.87 -5.01
CA LEU A 230 0.09 5.71 -3.99
C LEU A 230 0.07 7.17 -4.44
N LYS A 231 1.15 7.65 -5.06
CA LYS A 231 1.12 9.01 -5.58
C LYS A 231 0.01 9.20 -6.62
N ARG A 232 -0.07 8.28 -7.59
CA ARG A 232 -1.03 8.43 -8.67
C ARG A 232 -2.45 8.40 -8.14
N PHE A 233 -2.71 7.52 -7.17
CA PHE A 233 -4.10 7.29 -6.76
C PHE A 233 -4.54 7.95 -5.46
N VAL A 234 -3.67 7.98 -4.45
CA VAL A 234 -4.01 8.72 -3.22
C VAL A 234 -3.91 10.24 -3.45
N ASP A 235 -2.94 10.66 -4.26
CA ASP A 235 -2.72 12.10 -4.48
C ASP A 235 -3.23 12.59 -5.83
N GLU A 236 -3.74 11.70 -6.67
CA GLU A 236 -4.11 12.03 -8.06
C GLU A 236 -2.94 12.69 -8.78
N ASP A 237 -1.73 12.26 -8.45
CA ASP A 237 -0.52 12.95 -8.89
C ASP A 237 -0.01 12.36 -10.21
N THR A 238 -0.35 13.05 -11.29
CA THR A 238 -0.07 12.51 -12.60
C THR A 238 1.40 12.69 -12.99
N ARG A 239 2.19 13.35 -12.15
CA ARG A 239 3.64 13.39 -12.34
C ARG A 239 4.22 11.97 -12.21
N TYR A 240 3.46 11.08 -11.61
CA TYR A 240 3.95 9.72 -11.39
C TYR A 240 3.44 8.72 -12.41
N SER A 241 2.56 9.17 -13.29
CA SER A 241 2.06 8.29 -14.34
C SER A 241 3.20 7.78 -15.20
N GLN A 242 4.22 8.60 -15.38
CA GLN A 242 5.34 8.26 -16.25
C GLN A 242 6.06 6.98 -15.83
N PHE A 243 5.94 6.61 -14.56
CA PHE A 243 6.63 5.42 -14.07
C PHE A 243 5.74 4.18 -14.15
N LEU A 244 4.41 4.41 -14.21
CA LEU A 244 3.43 3.32 -14.22
C LEU A 244 2.99 2.93 -15.62
N CYS A 245 3.04 3.87 -16.55
CA CYS A 245 2.53 3.65 -17.90
C CYS A 245 3.49 4.29 -18.90
N PRO A 246 3.96 3.53 -19.90
CA PRO A 246 3.70 2.13 -20.18
C PRO A 246 4.29 1.23 -19.11
N ASN A 247 3.96 -0.04 -19.16
CA ASN A 247 4.40 -0.98 -18.12
C ASN A 247 5.89 -0.86 -17.84
N PRO A 248 6.28 -0.88 -16.55
CA PRO A 248 7.69 -0.95 -16.16
C PRO A 248 8.40 -2.12 -16.77
N THR A 249 9.70 -1.95 -17.06
CA THR A 249 10.49 -3.02 -17.65
C THR A 249 11.76 -3.36 -16.84
N ASP A 250 11.79 -2.96 -15.57
CA ASP A 250 12.93 -3.24 -14.70
C ASP A 250 13.34 -4.70 -14.81
N ARG A 251 14.64 -4.96 -14.78
CA ARG A 251 15.13 -6.33 -14.91
C ARG A 251 14.57 -7.28 -13.83
N ALA A 252 14.30 -6.74 -12.65
CA ALA A 252 13.78 -7.52 -11.53
C ALA A 252 12.38 -8.04 -11.79
N ILE A 253 11.70 -7.43 -12.75
CA ILE A 253 10.31 -7.79 -13.04
C ILE A 253 10.20 -8.98 -14.01
N GLU A 254 9.52 -10.04 -13.57
CA GLU A 254 9.25 -11.19 -14.43
C GLU A 254 8.23 -10.83 -15.50
N GLU A 255 7.10 -10.28 -15.07
CA GLU A 255 6.10 -9.77 -15.99
C GLU A 255 5.29 -8.69 -15.32
N TYR A 256 4.70 -7.83 -16.14
CA TYR A 256 3.87 -6.75 -15.67
C TYR A 256 2.59 -6.73 -16.51
N ARG A 257 1.44 -6.58 -15.86
CA ARG A 257 0.18 -6.44 -16.57
C ARG A 257 -0.46 -5.15 -16.09
N SER A 258 -1.18 -4.44 -16.95
CA SER A 258 -1.87 -3.24 -16.50
C SER A 258 -3.04 -2.89 -17.39
N THR A 259 -3.87 -1.98 -16.88
CA THR A 259 -4.91 -1.38 -17.69
C THR A 259 -4.54 0.07 -18.04
N CYS A 260 -3.23 0.32 -18.22
CA CYS A 260 -2.78 1.62 -18.72
C CYS A 260 -3.47 1.95 -20.04
N PRO A 261 -3.74 3.24 -20.30
CA PRO A 261 -3.50 4.38 -19.42
C PRO A 261 -4.60 4.51 -18.37
N TYR A 262 -4.27 5.17 -17.27
CA TYR A 262 -5.25 5.43 -16.23
C TYR A 262 -5.80 6.84 -16.42
N LYS A 263 -6.91 6.95 -17.15
CA LYS A 263 -7.55 8.23 -17.45
C LYS A 263 -7.66 9.14 -16.24
#